data_5TF9
#
_entry.id   5TF9
#
_cell.length_a   83.065
_cell.length_b   104.482
_cell.length_c   69.604
_cell.angle_alpha   90.000
_cell.angle_beta   116.500
_cell.angle_gamma   90.000
#
_symmetry.space_group_name_H-M   'C 1 2 1'
#
loop_
_entity.id
_entity.type
_entity.pdbx_description
1 polymer 'Serine/threonine-protein kinase WNK1'
2 non-polymer {2-[(4-chlorophenyl)methoxy]phenyl}{5-[2-(methylamino)-1,3-thiazol-4-yl]-2,3-dihydro-1H-indol-1-yl}methanone
3 non-polymer 'PHOSPHOAMINOPHOSPHONIC ACID-ADENYLATE ESTER'
4 non-polymer 'MANGANESE (II) ION'
5 non-polymer 'CALCIUM ION'
6 water water
#
_entity_poly.entity_id   1
_entity_poly.type   'polypeptide(L)'
_entity_poly.pdbx_seq_one_letter_code
;GELETKAVGMSNDGRFLKFDIEIGRGSFKTVYKGLDTETTVEVAWCELQDRKLTKSERQRFKEEAEMLKGLQHPNIVRFY
DSWESTVKGKKCIVLVTELMTSGTLKTYLKRFKVMKIKVLRSWCRQILKGLQFLHTRTPPIIHRDLKCDNIFITGPTGSV
KIGDLGLATLKRADFAKSVIGTPEFMAPEMYAAAYDESVDVYAFGMCMLEMATSEYPYSECQNAAQIYRRVTSGVKPASF
DKVAIPEVKEIIEGCIRQNKDERYSIKDLLNHAFFQEET
;
_entity_poly.pdbx_strand_id   A,B
#
# COMPACT_ATOMS: atom_id res chain seq x y z
N LYS A 6 -13.62 34.18 23.82
CA LYS A 6 -14.32 34.68 22.65
C LYS A 6 -13.76 34.05 21.37
N ALA A 7 -14.63 33.85 20.39
CA ALA A 7 -14.31 33.02 19.23
C ALA A 7 -13.48 33.77 18.20
N VAL A 8 -12.48 33.07 17.65
CA VAL A 8 -11.71 33.56 16.51
C VAL A 8 -12.00 32.81 15.22
N GLY A 9 -12.67 31.65 15.29
CA GLY A 9 -13.04 30.91 14.10
C GLY A 9 -14.35 30.17 14.32
N MET A 10 -14.97 29.75 13.22
CA MET A 10 -16.29 29.12 13.29
C MET A 10 -16.48 28.13 12.16
N SER A 11 -17.22 27.06 12.46
CA SER A 11 -17.65 26.12 11.44
C SER A 11 -18.77 26.72 10.59
N ASN A 12 -18.89 26.22 9.36
CA ASN A 12 -19.88 26.77 8.43
C ASN A 12 -21.31 26.61 8.97
N ASP A 13 -21.59 25.47 9.60
CA ASP A 13 -22.91 25.28 10.21
C ASP A 13 -23.10 26.15 11.45
N GLY A 14 -22.03 26.69 12.00
CA GLY A 14 -22.09 27.50 13.20
C GLY A 14 -21.97 26.75 14.50
N ARG A 15 -21.94 25.41 14.45
CA ARG A 15 -21.93 24.62 15.68
C ARG A 15 -20.63 24.81 16.47
N PHE A 16 -19.50 24.77 15.78
CA PHE A 16 -18.20 24.74 16.45
C PHE A 16 -17.52 26.10 16.41
N LEU A 17 -17.01 26.52 17.57
CA LEU A 17 -16.25 27.75 17.73
C LEU A 17 -14.79 27.44 18.02
N LYS A 18 -13.90 28.35 17.64
CA LYS A 18 -12.48 28.21 17.89
C LYS A 18 -12.02 29.35 18.79
N PHE A 19 -11.22 29.01 19.79
CA PHE A 19 -10.58 29.99 20.67
C PHE A 19 -9.08 30.01 20.37
N ASP A 20 -8.47 31.19 20.46
CA ASP A 20 -7.06 31.32 20.10
C ASP A 20 -6.14 30.87 21.23
N ILE A 21 -6.34 29.66 21.74
CA ILE A 21 -5.55 29.11 22.84
C ILE A 21 -4.99 27.77 22.40
N GLU A 22 -3.73 27.75 22.00
CA GLU A 22 -3.04 26.54 21.56
C GLU A 22 -2.89 25.55 22.70
N ILE A 23 -3.48 24.37 22.56
CA ILE A 23 -3.38 23.32 23.57
C ILE A 23 -2.50 22.16 23.13
N GLY A 24 -2.27 21.98 21.83
CA GLY A 24 -1.36 20.95 21.36
C GLY A 24 -0.63 21.44 20.14
N ARG A 25 0.52 20.81 19.87
CA ARG A 25 1.32 21.22 18.72
C ARG A 25 1.99 20.02 18.07
N GLY A 26 1.76 19.87 16.76
CA GLY A 26 2.46 18.88 15.97
C GLY A 26 3.08 19.56 14.76
N SER A 27 3.88 18.78 14.02
CA SER A 27 4.67 19.39 12.96
C SER A 27 3.81 19.80 11.77
N PHE A 28 2.70 19.13 11.59
CA PHE A 28 1.79 19.47 10.53
C PHE A 28 0.38 19.67 11.02
N LYS A 29 0.23 19.91 12.32
CA LYS A 29 -1.07 20.14 12.92
C LYS A 29 -1.02 20.92 14.24
N THR A 30 -1.93 21.85 14.39
CA THR A 30 -2.02 22.66 15.59
C THR A 30 -3.37 22.44 16.22
N VAL A 31 -3.38 22.17 17.51
CA VAL A 31 -4.62 21.86 18.23
C VAL A 31 -5.00 23.03 19.12
N TYR A 32 -6.20 23.56 18.92
CA TYR A 32 -6.74 24.65 19.73
C TYR A 32 -7.95 24.18 20.50
N LYS A 33 -8.21 24.88 21.61
CA LYS A 33 -9.45 24.66 22.34
C LYS A 33 -10.62 25.30 21.59
N GLY A 34 -11.75 24.59 21.58
CA GLY A 34 -12.94 25.06 20.93
C GLY A 34 -14.18 24.68 21.71
N LEU A 35 -15.33 25.00 21.14
CA LEU A 35 -16.60 24.75 21.81
C LEU A 35 -17.62 24.17 20.86
N ASP A 36 -18.37 23.18 21.33
CA ASP A 36 -19.54 22.65 20.66
C ASP A 36 -20.75 23.40 21.21
N THR A 37 -21.29 24.34 20.44
CA THR A 37 -22.40 25.15 20.95
C THR A 37 -23.70 24.37 21.06
N GLU A 38 -23.84 23.25 20.33
CA GLU A 38 -25.03 22.43 20.47
C GLU A 38 -25.07 21.73 21.82
N THR A 39 -23.95 21.17 22.27
CA THR A 39 -23.88 20.45 23.54
C THR A 39 -23.19 21.25 24.65
N THR A 40 -22.63 22.42 24.34
CA THR A 40 -21.95 23.29 25.30
C THR A 40 -20.73 22.62 25.94
N VAL A 41 -20.16 21.63 25.27
CA VAL A 41 -18.94 20.97 25.75
C VAL A 41 -17.74 21.54 25.00
N GLU A 42 -16.60 21.56 25.67
CA GLU A 42 -15.36 21.99 25.03
C GLU A 42 -14.82 20.86 24.16
N VAL A 43 -14.32 21.23 22.98
CA VAL A 43 -13.83 20.27 21.99
C VAL A 43 -12.42 20.66 21.58
N ALA A 44 -11.77 19.75 20.87
CA ALA A 44 -10.44 20.00 20.31
C ALA A 44 -10.59 20.40 18.84
N TRP A 45 -9.98 21.53 18.48
CA TRP A 45 -10.05 22.11 17.14
C TRP A 45 -8.65 22.01 16.55
N CYS A 46 -8.49 21.15 15.55
CA CYS A 46 -7.19 20.83 14.98
C CYS A 46 -7.09 21.36 13.56
N GLU A 47 -6.04 22.13 13.29
CA GLU A 47 -5.76 22.66 11.96
C GLU A 47 -4.60 21.88 11.37
N LEU A 48 -4.84 21.24 10.23
CA LEU A 48 -3.83 20.46 9.54
C LEU A 48 -3.35 21.20 8.31
N GLN A 49 -2.07 21.03 8.01
CA GLN A 49 -1.41 21.69 6.90
C GLN A 49 -2.13 21.41 5.62
N ASP A 50 -2.15 22.37 4.72
CA ASP A 50 -2.83 22.21 3.45
C ASP A 50 -2.28 21.04 2.64
N ARG A 51 -3.16 20.34 1.95
CA ARG A 51 -2.73 19.21 1.12
C ARG A 51 -3.30 19.28 -0.30
N LYS A 52 -2.65 18.56 -1.21
CA LYS A 52 -3.05 18.55 -2.62
C LYS A 52 -4.51 18.25 -2.83
N LEU A 53 -5.11 18.96 -3.77
CA LEU A 53 -6.52 18.81 -4.04
C LEU A 53 -6.82 18.19 -5.36
N THR A 54 -6.57 16.91 -5.44
CA THR A 54 -6.98 16.14 -6.58
C THR A 54 -8.49 15.94 -6.34
N LYS A 55 -9.30 16.08 -7.37
CA LYS A 55 -10.73 15.90 -7.22
C LYS A 55 -11.16 14.58 -6.59
N SER A 56 -10.51 13.49 -6.95
CA SER A 56 -10.83 12.18 -6.41
C SER A 56 -10.38 12.07 -4.95
N GLU A 57 -9.31 12.77 -4.58
CA GLU A 57 -8.85 12.73 -3.19
C GLU A 57 -9.79 13.47 -2.25
N ARG A 58 -10.32 14.61 -2.67
CA ARG A 58 -11.16 15.33 -1.73
C ARG A 58 -12.55 14.69 -1.63
N GLN A 59 -13.02 13.99 -2.68
CA GLN A 59 -14.22 13.18 -2.54
C GLN A 59 -13.98 11.96 -1.64
N ARG A 60 -12.73 11.49 -1.57
CA ARG A 60 -12.38 10.39 -0.69
C ARG A 60 -12.31 10.85 0.76
N PHE A 61 -11.59 11.94 1.01
CA PHE A 61 -11.55 12.55 2.34
C PHE A 61 -12.96 12.87 2.84
N LYS A 62 -13.76 13.49 1.98
CA LYS A 62 -15.13 13.84 2.32
C LYS A 62 -15.93 12.62 2.77
N GLU A 63 -15.74 11.47 2.11
CA GLU A 63 -16.50 10.28 2.47
C GLU A 63 -15.83 9.49 3.58
N GLU A 64 -14.51 9.55 3.71
CA GLU A 64 -13.84 8.92 4.84
C GLU A 64 -14.21 9.59 6.16
N ALA A 65 -14.40 10.92 6.14
CA ALA A 65 -14.81 11.63 7.34
C ALA A 65 -16.24 11.32 7.74
N GLU A 66 -17.11 10.98 6.78
CA GLU A 66 -18.46 10.57 7.12
C GLU A 66 -18.46 9.27 7.91
N MET A 67 -17.55 8.37 7.56
CA MET A 67 -17.42 7.13 8.31
C MET A 67 -16.86 7.36 9.70
N LEU A 68 -15.84 8.23 9.80
CA LEU A 68 -15.16 8.46 11.07
C LEU A 68 -16.10 9.04 12.12
N LYS A 69 -17.00 9.93 11.72
CA LYS A 69 -17.92 10.51 12.69
C LYS A 69 -19.06 9.57 13.03
N GLY A 70 -19.10 8.38 12.44
CA GLY A 70 -20.02 7.35 12.87
C GLY A 70 -19.45 6.39 13.90
N LEU A 71 -18.15 6.49 14.18
CA LEU A 71 -17.44 5.57 15.08
C LEU A 71 -17.61 6.02 16.53
N GLN A 72 -18.74 5.67 17.13
CA GLN A 72 -19.01 6.00 18.53
C GLN A 72 -18.68 4.79 19.40
N HIS A 73 -17.65 4.92 20.26
CA HIS A 73 -17.23 3.89 21.22
C HIS A 73 -16.51 4.57 22.38
N PRO A 74 -16.69 4.08 23.62
CA PRO A 74 -16.12 4.78 24.78
C PRO A 74 -14.60 4.80 24.84
N ASN A 75 -13.92 3.89 24.16
CA ASN A 75 -12.47 3.83 24.20
C ASN A 75 -11.83 4.33 22.90
N ILE A 76 -12.59 5.07 22.10
CA ILE A 76 -12.08 5.75 20.91
C ILE A 76 -12.42 7.23 21.05
N VAL A 77 -11.46 8.09 20.75
CA VAL A 77 -11.69 9.54 20.78
C VAL A 77 -12.68 9.92 19.70
N ARG A 78 -13.72 10.65 20.08
CA ARG A 78 -14.82 10.96 19.18
C ARG A 78 -14.41 11.95 18.10
N PHE A 79 -14.79 11.64 16.86
CA PHE A 79 -14.57 12.50 15.69
C PHE A 79 -15.90 13.17 15.37
N TYR A 80 -15.95 14.51 15.46
CA TYR A 80 -17.21 15.22 15.29
C TYR A 80 -17.45 15.71 13.87
N ASP A 81 -16.46 16.32 13.23
CA ASP A 81 -16.67 16.87 11.89
C ASP A 81 -15.32 17.22 11.27
N SER A 82 -15.36 17.54 9.98
CA SER A 82 -14.18 17.98 9.24
C SER A 82 -14.64 18.73 8.00
N TRP A 83 -13.90 19.80 7.67
CA TRP A 83 -14.23 20.64 6.53
C TRP A 83 -12.97 21.42 6.14
N GLU A 84 -13.03 22.07 4.99
CA GLU A 84 -11.91 22.85 4.48
C GLU A 84 -12.10 24.32 4.79
N SER A 85 -11.00 24.98 5.17
CA SER A 85 -11.02 26.39 5.56
C SER A 85 -9.74 27.04 5.07
N THR A 86 -9.62 28.35 5.29
CA THR A 86 -8.45 29.12 4.82
C THR A 86 -8.00 30.05 5.95
N VAL A 87 -7.14 29.53 6.83
CA VAL A 87 -6.44 30.39 7.78
C VAL A 87 -5.19 30.99 7.15
N LYS A 88 -4.73 30.44 6.03
CA LYS A 88 -3.59 30.96 5.29
C LYS A 88 -3.88 30.96 3.79
N CYS A 92 -6.33 25.28 4.43
CA CYS A 92 -5.99 24.16 5.29
C CYS A 92 -7.26 23.40 5.68
N ILE A 93 -7.06 22.30 6.40
CA ILE A 93 -8.15 21.40 6.76
C ILE A 93 -8.36 21.48 8.28
N VAL A 94 -9.63 21.54 8.68
CA VAL A 94 -10.00 21.69 10.08
C VAL A 94 -10.68 20.42 10.56
N LEU A 95 -10.28 19.96 11.75
CA LEU A 95 -10.77 18.73 12.35
C LEU A 95 -11.26 19.03 13.76
N VAL A 96 -12.41 18.49 14.12
CA VAL A 96 -13.00 18.67 15.44
C VAL A 96 -13.20 17.31 16.10
N THR A 97 -12.54 17.10 17.24
CA THR A 97 -12.64 15.85 17.98
C THR A 97 -13.01 16.13 19.43
N GLU A 98 -13.18 15.03 20.17
CA GLU A 98 -13.45 15.10 21.60
C GLU A 98 -12.22 15.62 22.33
N LEU A 99 -12.45 16.48 23.33
CA LEU A 99 -11.35 17.11 24.06
C LEU A 99 -10.87 16.19 25.17
N MET A 100 -9.59 15.81 25.11
CA MET A 100 -8.98 14.93 26.09
C MET A 100 -8.35 15.79 27.19
N THR A 101 -8.87 15.65 28.41
CA THR A 101 -8.55 16.63 29.46
C THR A 101 -7.21 16.36 30.14
N SER A 102 -6.76 15.10 30.21
CA SER A 102 -5.58 14.77 30.99
C SER A 102 -4.38 14.39 30.11
N GLY A 103 -4.37 14.84 28.86
CA GLY A 103 -3.22 14.64 28.02
C GLY A 103 -3.07 13.22 27.52
N THR A 104 -1.94 12.97 26.87
CA THR A 104 -1.66 11.64 26.34
C THR A 104 -1.05 10.75 27.42
N LEU A 105 -1.10 9.45 27.16
CA LEU A 105 -0.51 8.48 28.09
C LEU A 105 0.99 8.65 28.17
N LYS A 106 1.64 9.01 27.05
CA LYS A 106 3.07 9.28 27.06
C LYS A 106 3.42 10.36 28.06
N THR A 107 2.51 11.34 28.22
CA THR A 107 2.72 12.39 29.21
C THR A 107 2.73 11.83 30.62
N TYR A 108 1.79 10.91 30.93
CA TYR A 108 1.79 10.23 32.22
C TYR A 108 3.07 9.43 32.44
N LEU A 109 3.50 8.69 31.42
CA LEU A 109 4.69 7.85 31.55
C LEU A 109 5.96 8.69 31.69
N LYS A 110 5.99 9.87 31.10
CA LYS A 110 7.11 10.74 31.20
C LYS A 110 7.27 11.33 32.59
N ARG A 111 6.28 11.17 33.43
CA ARG A 111 6.32 11.72 34.76
C ARG A 111 6.61 10.75 35.88
N PHE A 112 6.49 9.47 35.63
CA PHE A 112 6.65 8.45 36.65
C PHE A 112 7.40 7.26 36.05
N LYS A 113 7.89 6.39 36.93
CA LYS A 113 8.77 5.29 36.55
C LYS A 113 8.14 3.91 36.62
N VAL A 114 7.31 3.63 37.63
CA VAL A 114 6.80 2.27 37.84
C VAL A 114 5.28 2.36 37.93
N MET A 115 4.61 2.11 36.82
CA MET A 115 3.15 2.03 36.81
C MET A 115 2.68 0.80 37.59
N LYS A 116 1.64 0.98 38.40
CA LYS A 116 1.11 -0.09 39.22
C LYS A 116 0.22 -1.01 38.40
N ILE A 117 0.17 -2.28 38.80
CA ILE A 117 -0.39 -3.27 37.89
C ILE A 117 -1.91 -3.17 37.83
N LYS A 118 -2.55 -2.57 38.84
CA LYS A 118 -3.97 -2.29 38.69
C LYS A 118 -4.22 -1.31 37.57
N VAL A 119 -3.33 -0.33 37.40
CA VAL A 119 -3.45 0.64 36.33
C VAL A 119 -3.00 0.05 35.00
N LEU A 120 -1.94 -0.76 35.01
CA LEU A 120 -1.54 -1.47 33.80
C LEU A 120 -2.69 -2.32 33.29
N ARG A 121 -3.36 -3.01 34.17
CA ARG A 121 -4.44 -3.87 33.81
C ARG A 121 -5.66 -3.16 33.34
N SER A 122 -6.03 -2.11 34.02
CA SER A 122 -7.21 -1.35 33.64
C SER A 122 -7.00 -0.60 32.34
N TRP A 123 -5.84 0.06 32.17
CA TRP A 123 -5.64 0.89 30.99
C TRP A 123 -5.46 0.07 29.73
N CYS A 124 -4.79 -1.09 29.85
CA CYS A 124 -4.61 -1.93 28.67
C CYS A 124 -5.91 -2.59 28.24
N ARG A 125 -6.77 -2.97 29.19
CA ARG A 125 -8.05 -3.56 28.84
C ARG A 125 -8.88 -2.59 28.00
N GLN A 126 -8.85 -1.30 28.34
CA GLN A 126 -9.59 -0.31 27.57
C GLN A 126 -9.00 -0.12 26.19
N ILE A 127 -7.67 -0.12 26.08
CA ILE A 127 -7.03 -0.02 24.76
C ILE A 127 -7.47 -1.18 23.88
N LEU A 128 -7.52 -2.39 24.46
CA LEU A 128 -7.94 -3.56 23.70
C LEU A 128 -9.40 -3.46 23.28
N LYS A 129 -10.27 -3.04 24.20
CA LYS A 129 -11.68 -2.86 23.84
C LYS A 129 -11.84 -1.84 22.71
N GLY A 130 -11.00 -0.82 22.70
CA GLY A 130 -11.06 0.17 21.62
C GLY A 130 -10.53 -0.39 20.32
N LEU A 131 -9.43 -1.14 20.36
CA LEU A 131 -8.93 -1.79 19.15
C LEU A 131 -9.93 -2.80 18.62
N GLN A 132 -10.59 -3.54 19.52
CA GLN A 132 -11.57 -4.53 19.09
C GLN A 132 -12.74 -3.88 18.37
N PHE A 133 -13.15 -2.69 18.81
CA PHE A 133 -14.18 -1.96 18.08
C PHE A 133 -13.74 -1.67 16.65
N LEU A 134 -12.52 -1.14 16.49
CA LEU A 134 -12.04 -0.79 15.16
C LEU A 134 -11.98 -2.01 14.24
N HIS A 135 -11.54 -3.15 14.77
CA HIS A 135 -11.31 -4.32 13.95
C HIS A 135 -12.58 -5.08 13.60
N THR A 136 -13.72 -4.76 14.24
CA THR A 136 -14.98 -5.41 13.91
C THR A 136 -15.89 -4.52 13.08
N ARG A 137 -15.39 -3.40 12.56
CA ARG A 137 -16.19 -2.55 11.67
C ARG A 137 -16.31 -3.19 10.30
N THR A 138 -17.07 -2.55 9.42
CA THR A 138 -17.33 -3.07 8.08
C THR A 138 -17.06 -2.03 6.99
N PRO A 139 -15.90 -2.11 6.33
CA PRO A 139 -14.80 -3.05 6.58
C PRO A 139 -13.99 -2.64 7.82
N PRO A 140 -13.14 -3.55 8.34
CA PRO A 140 -12.38 -3.23 9.54
C PRO A 140 -11.44 -2.05 9.33
N ILE A 141 -11.12 -1.39 10.44
CA ILE A 141 -10.15 -0.30 10.46
C ILE A 141 -8.87 -0.79 11.13
N ILE A 142 -7.74 -0.58 10.46
CA ILE A 142 -6.42 -0.89 11.02
C ILE A 142 -5.78 0.42 11.41
N HIS A 143 -5.51 0.60 12.71
CA HIS A 143 -5.01 1.89 13.20
C HIS A 143 -3.65 2.23 12.58
N ARG A 144 -2.70 1.29 12.68
CA ARG A 144 -1.35 1.37 12.09
C ARG A 144 -0.41 2.34 12.80
N ASP A 145 -0.89 3.11 13.77
CA ASP A 145 0.00 4.01 14.49
C ASP A 145 -0.31 3.99 15.99
N LEU A 146 -0.57 2.81 16.53
CA LEU A 146 -0.83 2.69 17.96
C LEU A 146 0.46 2.92 18.74
N LYS A 147 0.46 3.95 19.58
CA LYS A 147 1.58 4.29 20.43
C LYS A 147 1.02 5.11 21.58
N CYS A 148 1.83 5.28 22.63
CA CYS A 148 1.32 5.94 23.84
C CYS A 148 1.00 7.41 23.60
N ASP A 149 1.57 8.03 22.56
CA ASP A 149 1.19 9.40 22.23
C ASP A 149 -0.19 9.47 21.58
N ASN A 150 -0.66 8.37 20.99
CA ASN A 150 -1.99 8.32 20.38
C ASN A 150 -3.04 7.74 21.31
N ILE A 151 -2.72 7.57 22.59
CA ILE A 151 -3.65 7.09 23.60
C ILE A 151 -3.84 8.21 24.62
N PHE A 152 -5.08 8.52 24.94
CA PHE A 152 -5.39 9.69 25.74
C PHE A 152 -6.13 9.31 27.01
N ILE A 153 -5.91 10.10 28.06
CA ILE A 153 -6.59 9.97 29.34
C ILE A 153 -7.51 11.18 29.50
N THR A 154 -8.76 10.95 29.92
CA THR A 154 -9.69 12.05 30.02
C THR A 154 -10.74 11.78 31.09
N GLY A 155 -11.37 12.86 31.57
CA GLY A 155 -12.53 12.76 32.41
C GLY A 155 -12.23 12.61 33.89
N PRO A 156 -13.28 12.45 34.69
CA PRO A 156 -13.07 12.29 36.13
C PRO A 156 -12.51 10.92 36.50
N THR A 157 -12.99 9.86 35.85
CA THR A 157 -12.55 8.51 36.16
C THR A 157 -11.21 8.15 35.52
N GLY A 158 -10.60 9.05 34.76
CA GLY A 158 -9.34 8.75 34.10
C GLY A 158 -9.48 7.80 32.92
N SER A 159 -10.55 7.92 32.15
CA SER A 159 -10.84 6.99 31.07
C SER A 159 -9.75 7.04 30.00
N VAL A 160 -9.49 5.88 29.39
CA VAL A 160 -8.45 5.72 28.38
C VAL A 160 -9.12 5.57 27.03
N LYS A 161 -8.71 6.42 26.07
CA LYS A 161 -9.27 6.40 24.73
C LYS A 161 -8.14 6.42 23.70
N ILE A 162 -8.37 5.74 22.57
CA ILE A 162 -7.45 5.76 21.44
C ILE A 162 -7.86 6.90 20.52
N GLY A 163 -6.88 7.74 20.15
CA GLY A 163 -7.14 8.82 19.21
C GLY A 163 -6.24 8.80 18.00
N ASP A 164 -6.21 9.92 17.27
CA ASP A 164 -5.37 10.15 16.10
C ASP A 164 -5.34 8.97 15.13
N LEU A 165 -6.43 8.78 14.39
CA LEU A 165 -6.51 7.73 13.37
C LEU A 165 -6.04 8.21 11.99
N GLY A 166 -5.11 9.18 11.95
CA GLY A 166 -4.76 9.80 10.69
C GLY A 166 -4.08 8.87 9.71
N LEU A 167 -3.42 7.82 10.22
CA LEU A 167 -2.70 6.90 9.35
C LEU A 167 -3.40 5.54 9.25
N ALA A 168 -4.68 5.48 9.59
CA ALA A 168 -5.43 4.24 9.55
C ALA A 168 -5.84 3.90 8.11
N THR A 169 -6.33 2.67 7.93
CA THR A 169 -6.82 2.22 6.64
C THR A 169 -7.98 1.25 6.86
N LEU A 170 -8.72 1.03 5.77
CA LEU A 170 -9.81 0.08 5.76
C LEU A 170 -9.31 -1.32 5.38
N LYS A 171 -10.09 -2.32 5.78
CA LYS A 171 -9.91 -3.72 5.38
C LYS A 171 -8.63 -4.34 5.92
N GLY A 181 -5.90 -9.67 -10.35
CA GLY A 181 -4.88 -10.67 -10.59
C GLY A 181 -3.76 -10.65 -9.56
N THR A 182 -2.84 -11.60 -9.67
CA THR A 182 -1.73 -11.67 -8.73
C THR A 182 -0.41 -11.72 -9.51
N PRO A 183 0.56 -10.87 -9.17
CA PRO A 183 1.82 -10.83 -9.94
C PRO A 183 2.61 -12.11 -9.79
N GLU A 184 3.29 -12.48 -10.88
CA GLU A 184 4.01 -13.76 -10.90
C GLU A 184 5.41 -13.64 -10.27
N PHE A 185 6.23 -12.69 -10.76
CA PHE A 185 7.60 -12.52 -10.28
C PHE A 185 7.69 -11.44 -9.19
N MET A 186 7.02 -11.61 -8.05
CA MET A 186 6.99 -10.51 -7.10
C MET A 186 8.13 -10.59 -6.10
N ALA A 187 8.70 -9.42 -5.79
CA ALA A 187 9.78 -9.30 -4.82
C ALA A 187 9.26 -9.61 -3.42
N PRO A 188 10.15 -10.04 -2.51
CA PRO A 188 9.68 -10.43 -1.16
C PRO A 188 8.95 -9.31 -0.42
N GLU A 189 9.28 -8.05 -0.68
CA GLU A 189 8.57 -6.97 -0.01
C GLU A 189 7.12 -6.89 -0.45
N MET A 190 6.84 -7.22 -1.72
CA MET A 190 5.46 -7.25 -2.19
C MET A 190 4.67 -8.38 -1.52
N TYR A 191 5.31 -9.52 -1.29
CA TYR A 191 4.60 -10.67 -0.74
C TYR A 191 4.22 -10.43 0.72
N ALA A 192 5.12 -9.87 1.51
CA ALA A 192 4.84 -9.56 2.91
C ALA A 192 4.11 -8.24 3.08
N ALA A 193 3.84 -7.52 1.99
CA ALA A 193 3.19 -6.22 2.08
C ALA A 193 1.73 -6.31 2.50
N ALA A 194 1.08 -7.45 2.28
CA ALA A 194 -0.32 -7.62 2.64
C ALA A 194 -0.40 -7.95 4.13
N TYR A 195 -0.60 -6.93 4.96
CA TYR A 195 -0.73 -7.12 6.39
C TYR A 195 -2.16 -6.84 6.85
N ASP A 196 -2.46 -7.19 8.10
CA ASP A 196 -3.83 -7.11 8.61
C ASP A 196 -3.80 -6.54 10.04
N GLU A 197 -4.96 -6.64 10.72
CA GLU A 197 -5.13 -6.06 12.05
C GLU A 197 -4.05 -6.49 13.03
N SER A 198 -3.34 -7.59 12.74
CA SER A 198 -2.31 -8.09 13.63
C SER A 198 -1.17 -7.09 13.83
N VAL A 199 -1.02 -6.10 12.94
CA VAL A 199 0.00 -5.07 13.18
C VAL A 199 -0.40 -4.21 14.37
N ASP A 200 -1.70 -4.12 14.68
CA ASP A 200 -2.13 -3.39 15.87
C ASP A 200 -1.87 -4.20 17.13
N VAL A 201 -1.91 -5.53 17.04
CA VAL A 201 -1.56 -6.37 18.19
C VAL A 201 -0.09 -6.20 18.54
N TYR A 202 0.78 -6.24 17.52
CA TYR A 202 2.20 -5.95 17.72
C TYR A 202 2.41 -4.60 18.39
N ALA A 203 1.73 -3.58 17.90
CA ALA A 203 1.89 -2.24 18.47
C ALA A 203 1.37 -2.19 19.91
N PHE A 204 0.26 -2.88 20.20
CA PHE A 204 -0.24 -2.92 21.56
C PHE A 204 0.79 -3.51 22.50
N GLY A 205 1.44 -4.60 22.08
CA GLY A 205 2.46 -5.20 22.91
C GLY A 205 3.63 -4.28 23.21
N MET A 206 3.96 -3.40 22.25
CA MET A 206 5.02 -2.42 22.48
C MET A 206 4.56 -1.33 23.44
N CYS A 207 3.29 -0.94 23.36
CA CYS A 207 2.76 0.05 24.30
C CYS A 207 2.72 -0.51 25.72
N MET A 208 2.26 -1.75 25.87
CA MET A 208 2.25 -2.38 27.19
C MET A 208 3.67 -2.54 27.72
N LEU A 209 4.62 -2.87 26.85
CA LEU A 209 6.02 -2.89 27.23
C LEU A 209 6.47 -1.53 27.74
N GLU A 210 6.11 -0.47 27.02
CA GLU A 210 6.49 0.88 27.44
C GLU A 210 5.81 1.29 28.74
N MET A 211 4.62 0.74 29.01
CA MET A 211 3.92 1.05 30.25
C MET A 211 4.53 0.29 31.44
N ALA A 212 4.97 -0.95 31.20
CA ALA A 212 5.50 -1.79 32.27
C ALA A 212 6.96 -1.53 32.56
N THR A 213 7.66 -0.79 31.71
CA THR A 213 9.07 -0.49 31.88
C THR A 213 9.37 1.00 31.98
N SER A 214 8.43 1.87 31.60
CA SER A 214 8.67 3.32 31.50
C SER A 214 9.98 3.61 30.78
N GLU A 215 10.24 2.81 29.76
CA GLU A 215 11.40 2.95 28.88
C GLU A 215 10.91 2.84 27.45
N TYR A 216 11.57 3.56 26.56
CA TYR A 216 11.18 3.46 25.16
C TYR A 216 11.74 2.18 24.56
N PRO A 217 10.93 1.39 23.84
CA PRO A 217 11.44 0.14 23.28
C PRO A 217 12.40 0.41 22.14
N TYR A 218 13.52 -0.31 22.13
CA TYR A 218 14.62 -0.11 21.18
C TYR A 218 15.24 1.28 21.35
N SER A 219 15.31 1.73 22.61
CA SER A 219 16.07 2.93 22.97
C SER A 219 17.52 2.84 22.52
N GLU A 220 18.14 1.68 22.75
CA GLU A 220 19.55 1.47 22.42
C GLU A 220 19.85 1.69 20.94
N CYS A 221 18.85 1.59 20.10
CA CYS A 221 19.11 1.76 18.70
C CYS A 221 19.22 3.19 18.26
N GLN A 222 19.78 3.38 17.09
CA GLN A 222 19.96 4.70 16.56
C GLN A 222 19.13 5.01 15.35
N ASN A 223 18.45 4.02 14.78
CA ASN A 223 17.59 4.22 13.63
C ASN A 223 16.63 3.08 13.45
N ALA A 224 15.69 3.26 12.54
CA ALA A 224 14.72 2.19 12.33
C ALA A 224 15.31 1.02 11.56
N ALA A 225 16.37 1.24 10.78
CA ALA A 225 17.01 0.13 10.08
C ALA A 225 17.57 -0.88 11.07
N GLN A 226 18.26 -0.40 12.11
CA GLN A 226 18.72 -1.28 13.18
C GLN A 226 17.55 -2.00 13.83
N ILE A 227 16.39 -1.35 13.90
CA ILE A 227 15.26 -1.93 14.62
C ILE A 227 14.73 -3.17 13.90
N TYR A 228 14.62 -3.11 12.57
CA TYR A 228 14.05 -4.25 11.85
C TYR A 228 14.93 -5.48 11.95
N ARG A 229 16.21 -5.35 11.58
CA ARG A 229 17.12 -6.48 11.64
C ARG A 229 17.10 -7.13 13.00
N ARG A 230 16.68 -6.38 14.02
CA ARG A 230 16.63 -6.92 15.37
C ARG A 230 15.48 -7.93 15.51
N VAL A 231 14.24 -7.48 15.39
CA VAL A 231 13.11 -8.39 15.57
C VAL A 231 13.31 -9.68 14.77
N THR A 232 13.95 -9.58 13.59
CA THR A 232 14.05 -10.69 12.66
C THR A 232 14.95 -11.82 13.14
N SER A 233 16.02 -11.51 13.87
CA SER A 233 16.90 -12.57 14.33
C SER A 233 16.52 -13.12 15.70
N GLY A 234 15.59 -12.48 16.39
CA GLY A 234 15.20 -12.89 17.72
C GLY A 234 15.59 -11.95 18.83
N VAL A 235 16.11 -10.77 18.52
CA VAL A 235 16.50 -9.82 19.54
C VAL A 235 15.32 -8.88 19.74
N LYS A 236 14.71 -9.04 20.91
CA LYS A 236 13.64 -8.19 21.37
C LYS A 236 14.25 -6.96 22.01
N PRO A 237 13.47 -5.92 22.29
CA PRO A 237 14.04 -4.73 22.90
C PRO A 237 14.68 -5.09 24.23
N ALA A 238 15.74 -4.36 24.56
CA ALA A 238 16.42 -4.59 25.84
C ALA A 238 15.45 -4.45 27.01
N SER A 239 14.45 -3.58 26.88
CA SER A 239 13.48 -3.40 27.93
C SER A 239 12.60 -4.63 28.15
N PHE A 240 12.47 -5.50 27.16
CA PHE A 240 11.63 -6.69 27.34
C PHE A 240 12.17 -7.59 28.44
N ASP A 241 13.49 -7.78 28.48
CA ASP A 241 14.08 -8.63 29.50
C ASP A 241 14.20 -7.93 30.85
N LYS A 242 13.58 -6.75 31.00
CA LYS A 242 13.50 -6.05 32.28
C LYS A 242 12.10 -6.06 32.87
N VAL A 243 11.17 -6.84 32.30
CA VAL A 243 9.78 -6.81 32.75
C VAL A 243 9.66 -7.63 34.04
N ALA A 244 9.09 -7.01 35.07
CA ALA A 244 9.05 -7.62 36.41
C ALA A 244 8.03 -8.74 36.49
N ILE A 245 6.78 -8.45 36.16
CA ILE A 245 5.70 -9.43 36.26
C ILE A 245 5.79 -10.41 35.09
N PRO A 246 5.97 -11.70 35.36
CA PRO A 246 6.07 -12.67 34.24
C PRO A 246 4.80 -12.76 33.41
N GLU A 247 3.63 -12.62 34.04
CA GLU A 247 2.39 -12.66 33.28
C GLU A 247 2.34 -11.53 32.26
N VAL A 248 2.77 -10.32 32.65
CA VAL A 248 2.84 -9.21 31.71
C VAL A 248 3.87 -9.49 30.62
N LYS A 249 5.04 -9.98 31.00
CA LYS A 249 6.08 -10.31 30.03
C LYS A 249 5.58 -11.31 29.00
N GLU A 250 4.88 -12.36 29.46
CA GLU A 250 4.40 -13.40 28.56
C GLU A 250 3.33 -12.84 27.60
N ILE A 251 2.47 -11.95 28.08
CA ILE A 251 1.52 -11.29 27.20
C ILE A 251 2.26 -10.48 26.15
N ILE A 252 3.35 -9.83 26.53
CA ILE A 252 4.08 -8.96 25.61
C ILE A 252 4.72 -9.76 24.49
N GLU A 253 5.37 -10.88 24.82
CA GLU A 253 6.08 -11.63 23.79
C GLU A 253 5.11 -12.26 22.79
N GLY A 254 3.99 -12.79 23.28
CA GLY A 254 2.95 -13.29 22.38
C GLY A 254 2.27 -12.20 21.56
N CYS A 255 2.48 -10.94 21.91
CA CYS A 255 2.00 -9.84 21.09
C CYS A 255 2.99 -9.41 20.04
N ILE A 256 4.29 -9.46 20.33
CA ILE A 256 5.28 -8.92 19.41
C ILE A 256 6.03 -10.04 18.68
N ARG A 257 5.38 -11.18 18.50
CA ARG A 257 6.01 -12.29 17.79
C ARG A 257 6.23 -11.95 16.32
N GLN A 258 7.42 -12.34 15.83
CA GLN A 258 7.82 -12.09 14.44
C GLN A 258 6.75 -12.53 13.45
N ASN A 259 6.32 -13.78 13.55
CA ASN A 259 5.29 -14.34 12.67
C ASN A 259 3.91 -13.96 13.19
N LYS A 260 3.12 -13.29 12.36
CA LYS A 260 1.83 -12.78 12.83
C LYS A 260 0.87 -13.90 13.19
N ASP A 261 0.95 -15.04 12.50
CA ASP A 261 0.05 -16.16 12.77
C ASP A 261 0.29 -16.80 14.13
N GLU A 262 1.38 -16.44 14.82
CA GLU A 262 1.65 -16.98 16.15
C GLU A 262 1.21 -16.03 17.26
N ARG A 263 0.69 -14.86 16.93
CA ARG A 263 0.37 -13.83 17.91
C ARG A 263 -1.02 -14.05 18.50
N TYR A 264 -1.22 -13.45 19.68
CA TYR A 264 -2.55 -13.27 20.24
C TYR A 264 -3.45 -12.54 19.25
N SER A 265 -4.72 -12.93 19.24
CA SER A 265 -5.78 -12.04 18.75
C SER A 265 -6.23 -11.15 19.90
N ILE A 266 -6.91 -10.05 19.55
CA ILE A 266 -7.38 -9.15 20.61
C ILE A 266 -8.40 -9.84 21.50
N LYS A 267 -9.22 -10.72 20.91
CA LYS A 267 -10.23 -11.41 21.69
C LYS A 267 -9.60 -12.36 22.71
N ASP A 268 -8.53 -13.07 22.32
CA ASP A 268 -7.83 -13.92 23.29
C ASP A 268 -7.14 -13.09 24.36
N LEU A 269 -6.65 -11.90 24.01
CA LEU A 269 -6.08 -11.01 25.00
C LEU A 269 -7.12 -10.62 26.05
N LEU A 270 -8.33 -10.25 25.61
CA LEU A 270 -9.36 -9.88 26.56
C LEU A 270 -9.91 -11.08 27.32
N ASN A 271 -9.72 -12.29 26.81
CA ASN A 271 -10.05 -13.51 27.54
C ASN A 271 -8.91 -13.97 28.47
N HIS A 272 -7.81 -13.24 28.52
CA HIS A 272 -6.67 -13.64 29.34
C HIS A 272 -7.00 -13.49 30.82
N ALA A 273 -6.40 -14.35 31.63
CA ALA A 273 -6.60 -14.28 33.08
C ALA A 273 -6.22 -12.91 33.62
N PHE A 274 -5.16 -12.31 33.08
CA PHE A 274 -4.71 -11.01 33.54
C PHE A 274 -5.79 -9.94 33.33
N PHE A 275 -6.47 -9.96 32.17
CA PHE A 275 -7.50 -8.97 31.93
C PHE A 275 -8.88 -9.39 32.41
N GLN A 276 -9.07 -10.68 32.71
CA GLN A 276 -10.34 -11.13 33.29
C GLN A 276 -10.46 -10.72 34.75
N GLU A 277 -9.32 -10.58 35.44
CA GLU A 277 -9.32 -9.95 36.75
C GLU A 277 -9.91 -8.55 36.65
N GLU A 278 -10.59 -8.14 37.71
CA GLU A 278 -10.99 -6.74 37.83
C GLU A 278 -10.33 -6.07 39.04
N THR A 279 -9.55 -6.82 39.82
CA THR A 279 -8.69 -6.31 40.90
C THR A 279 -9.49 -5.70 42.06
N GLU B 2 -18.98 -1.07 -47.04
CA GLU B 2 -18.25 -0.22 -46.09
C GLU B 2 -18.00 -0.96 -44.78
N LEU B 3 -17.59 -0.22 -43.75
CA LEU B 3 -17.11 -0.85 -42.53
C LEU B 3 -17.87 -0.49 -41.28
N GLU B 4 -18.20 0.78 -41.05
CA GLU B 4 -18.97 1.11 -39.85
C GLU B 4 -20.35 0.46 -39.85
N THR B 5 -20.76 -0.11 -40.99
CA THR B 5 -21.93 -0.98 -41.05
C THR B 5 -21.68 -2.28 -40.28
N LYS B 6 -20.47 -2.83 -40.38
CA LYS B 6 -20.13 -4.05 -39.68
C LYS B 6 -19.83 -3.81 -38.21
N ALA B 7 -19.60 -2.56 -37.82
CA ALA B 7 -19.28 -2.22 -36.45
C ALA B 7 -20.46 -2.54 -35.52
N VAL B 8 -20.15 -3.05 -34.33
CA VAL B 8 -21.15 -3.29 -33.30
C VAL B 8 -20.98 -2.35 -32.11
N GLY B 9 -20.02 -1.44 -32.17
CA GLY B 9 -19.88 -0.38 -31.19
C GLY B 9 -18.95 0.67 -31.76
N MET B 10 -18.87 1.81 -31.07
CA MET B 10 -17.88 2.82 -31.38
C MET B 10 -17.77 3.80 -30.23
N SER B 11 -16.70 4.59 -30.25
CA SER B 11 -16.56 5.71 -29.33
C SER B 11 -17.49 6.84 -29.78
N ASN B 12 -17.73 7.78 -28.87
CA ASN B 12 -18.71 8.82 -29.18
C ASN B 12 -18.15 9.84 -30.16
N ASP B 13 -16.83 10.06 -30.19
CA ASP B 13 -16.28 10.90 -31.24
C ASP B 13 -16.14 10.15 -32.57
N GLY B 14 -16.58 8.90 -32.65
CA GLY B 14 -16.56 8.14 -33.87
C GLY B 14 -15.19 7.66 -34.31
N ARG B 15 -14.18 7.74 -33.44
CA ARG B 15 -12.82 7.42 -33.87
C ARG B 15 -12.52 5.93 -33.84
N PHE B 16 -13.10 5.19 -32.89
CA PHE B 16 -12.74 3.79 -32.68
C PHE B 16 -13.97 2.92 -32.92
N LEU B 17 -13.84 1.97 -33.85
CA LEU B 17 -14.90 1.02 -34.17
C LEU B 17 -14.64 -0.31 -33.48
N LYS B 18 -15.72 -0.94 -33.00
CA LYS B 18 -15.67 -2.26 -32.42
C LYS B 18 -16.26 -3.28 -33.38
N PHE B 19 -15.59 -4.42 -33.53
CA PHE B 19 -16.07 -5.49 -34.39
C PHE B 19 -16.27 -6.77 -33.57
N ASP B 20 -17.27 -7.56 -33.99
CA ASP B 20 -17.67 -8.77 -33.27
C ASP B 20 -16.70 -9.92 -33.57
N ILE B 21 -15.44 -9.69 -33.22
CA ILE B 21 -14.36 -10.66 -33.43
C ILE B 21 -13.57 -10.72 -32.13
N GLU B 22 -13.68 -11.83 -31.41
CA GLU B 22 -13.00 -11.99 -30.16
C GLU B 22 -11.62 -12.52 -30.36
N ILE B 23 -10.63 -11.72 -30.07
CA ILE B 23 -9.26 -12.16 -30.28
C ILE B 23 -8.46 -12.50 -29.03
N GLY B 24 -9.03 -12.29 -27.86
CA GLY B 24 -8.35 -12.60 -26.64
C GLY B 24 -9.30 -12.68 -25.51
N ARG B 25 -9.01 -13.55 -24.55
CA ARG B 25 -9.87 -13.66 -23.40
C ARG B 25 -9.10 -13.93 -22.16
N GLY B 26 -9.23 -13.02 -21.23
CA GLY B 26 -8.61 -13.18 -19.94
C GLY B 26 -9.65 -13.44 -18.89
N SER B 27 -9.27 -13.29 -17.65
CA SER B 27 -10.20 -13.58 -16.57
C SER B 27 -11.17 -12.42 -16.33
N PHE B 28 -10.72 -11.18 -16.47
CA PHE B 28 -11.55 -10.02 -16.19
C PHE B 28 -11.65 -9.06 -17.37
N LYS B 29 -11.09 -9.43 -18.52
CA LYS B 29 -11.26 -8.65 -19.73
C LYS B 29 -11.48 -9.59 -20.90
N THR B 30 -12.21 -9.10 -21.89
CA THR B 30 -12.33 -9.75 -23.18
C THR B 30 -11.93 -8.74 -24.24
N VAL B 31 -11.17 -9.19 -25.23
CA VAL B 31 -10.54 -8.29 -26.20
C VAL B 31 -11.16 -8.54 -27.57
N TYR B 32 -11.65 -7.49 -28.19
CA TYR B 32 -12.23 -7.53 -29.52
C TYR B 32 -11.31 -6.82 -30.51
N LYS B 33 -11.41 -7.21 -31.78
CA LYS B 33 -10.71 -6.48 -32.82
C LYS B 33 -11.40 -5.14 -33.05
N GLY B 34 -10.62 -4.07 -33.00
CA GLY B 34 -11.12 -2.74 -33.24
C GLY B 34 -10.33 -2.04 -34.34
N LEU B 35 -10.77 -0.83 -34.66
CA LEU B 35 -10.14 -0.09 -35.75
C LEU B 35 -10.09 1.40 -35.43
N ASP B 36 -8.92 1.99 -35.60
CA ASP B 36 -8.74 3.43 -35.50
C ASP B 36 -9.23 4.06 -36.80
N THR B 37 -10.00 5.15 -36.69
CA THR B 37 -10.52 5.78 -37.89
C THR B 37 -9.58 6.84 -38.46
N GLU B 38 -8.85 7.57 -37.63
CA GLU B 38 -7.93 8.56 -38.19
C GLU B 38 -6.71 7.85 -38.79
N THR B 39 -5.85 7.26 -37.95
CA THR B 39 -4.95 6.27 -38.51
C THR B 39 -5.75 5.03 -38.84
N THR B 40 -5.37 4.33 -39.92
CA THR B 40 -6.20 3.20 -40.34
C THR B 40 -5.82 1.93 -39.59
N VAL B 41 -5.25 2.06 -38.38
CA VAL B 41 -4.61 0.93 -37.70
C VAL B 41 -5.65 0.11 -36.92
N GLU B 42 -5.41 -1.20 -36.85
CA GLU B 42 -6.17 -2.07 -35.97
C GLU B 42 -5.78 -1.81 -34.53
N VAL B 43 -6.78 -1.67 -33.66
CA VAL B 43 -6.54 -1.49 -32.23
C VAL B 43 -7.24 -2.62 -31.47
N ALA B 44 -6.90 -2.73 -30.19
CA ALA B 44 -7.46 -3.76 -29.32
C ALA B 44 -8.53 -3.13 -28.43
N TRP B 45 -9.79 -3.53 -28.65
CA TRP B 45 -10.94 -3.00 -27.92
C TRP B 45 -11.16 -3.91 -26.71
N CYS B 46 -10.78 -3.42 -25.53
CA CYS B 46 -10.82 -4.21 -24.31
C CYS B 46 -12.03 -3.79 -23.47
N GLU B 47 -12.83 -4.75 -23.05
CA GLU B 47 -14.01 -4.49 -22.22
C GLU B 47 -13.83 -5.20 -20.89
N LEU B 48 -13.77 -4.42 -19.81
CA LEU B 48 -13.51 -4.94 -18.49
C LEU B 48 -14.79 -5.21 -17.72
N GLN B 49 -14.69 -6.13 -16.77
CA GLN B 49 -15.78 -6.59 -15.94
C GLN B 49 -16.37 -5.46 -15.11
N ASP B 50 -17.58 -5.69 -14.59
CA ASP B 50 -18.22 -4.73 -13.71
C ASP B 50 -17.42 -4.56 -12.43
N ARG B 51 -17.39 -3.33 -11.92
CA ARG B 51 -16.41 -2.90 -10.93
C ARG B 51 -17.09 -2.33 -9.70
N LYS B 52 -16.27 -2.09 -8.68
CA LYS B 52 -16.74 -1.41 -7.46
C LYS B 52 -16.83 0.07 -7.74
N LEU B 53 -17.97 0.64 -7.40
CA LEU B 53 -18.25 1.95 -7.93
C LEU B 53 -18.52 2.85 -6.73
N THR B 54 -17.46 3.49 -6.26
CA THR B 54 -17.50 4.59 -5.33
C THR B 54 -17.20 5.86 -6.13
N LYS B 55 -17.80 6.97 -5.72
CA LYS B 55 -17.71 8.18 -6.52
C LYS B 55 -16.28 8.71 -6.56
N SER B 56 -15.52 8.51 -5.47
CA SER B 56 -14.10 8.85 -5.51
C SER B 56 -13.33 7.85 -6.35
N GLU B 57 -13.67 6.55 -6.24
CA GLU B 57 -13.03 5.55 -7.09
C GLU B 57 -13.29 5.83 -8.56
N ARG B 58 -14.51 6.24 -8.91
CA ARG B 58 -14.82 6.59 -10.30
C ARG B 58 -13.98 7.75 -10.78
N GLN B 59 -13.85 8.79 -9.94
CA GLN B 59 -13.07 9.95 -10.32
C GLN B 59 -11.58 9.62 -10.35
N ARG B 60 -11.14 8.67 -9.53
CA ARG B 60 -9.74 8.25 -9.56
C ARG B 60 -9.43 7.51 -10.85
N PHE B 61 -10.32 6.59 -11.27
CA PHE B 61 -10.14 5.92 -12.55
C PHE B 61 -10.05 6.92 -13.69
N LYS B 62 -10.97 7.90 -13.73
CA LYS B 62 -10.98 8.87 -14.81
C LYS B 62 -9.67 9.65 -14.88
N GLU B 63 -9.08 9.97 -13.72
CA GLU B 63 -7.81 10.68 -13.71
C GLU B 63 -6.67 9.76 -14.16
N GLU B 64 -6.73 8.49 -13.78
CA GLU B 64 -5.70 7.55 -14.21
C GLU B 64 -5.78 7.29 -15.71
N ALA B 65 -6.99 7.10 -16.25
CA ALA B 65 -7.15 6.89 -17.67
C ALA B 65 -6.62 8.05 -18.49
N GLU B 66 -6.65 9.24 -17.92
CA GLU B 66 -6.17 10.40 -18.61
C GLU B 66 -4.68 10.49 -18.60
N MET B 67 -4.09 9.97 -17.56
CA MET B 67 -2.67 9.95 -17.43
C MET B 67 -2.11 8.85 -18.28
N LEU B 68 -2.81 7.73 -18.34
CA LEU B 68 -2.39 6.61 -19.12
C LEU B 68 -2.40 6.89 -20.61
N LYS B 69 -3.32 7.72 -21.05
CA LYS B 69 -3.43 8.07 -22.43
C LYS B 69 -2.42 9.12 -22.91
N GLY B 70 -1.66 9.70 -22.02
CA GLY B 70 -0.66 10.67 -22.38
C GLY B 70 0.75 10.11 -22.37
N LEU B 71 0.88 8.81 -22.14
CA LEU B 71 2.16 8.14 -22.12
C LEU B 71 2.54 7.77 -23.52
N GLN B 72 3.60 8.38 -24.00
CA GLN B 72 4.13 8.16 -25.35
C GLN B 72 5.53 7.58 -25.19
N HIS B 73 5.72 6.32 -25.56
CA HIS B 73 7.10 5.81 -25.57
C HIS B 73 7.17 4.61 -26.49
N PRO B 74 8.27 4.44 -27.24
CA PRO B 74 8.34 3.32 -28.19
C PRO B 74 8.44 1.96 -27.53
N ASN B 75 8.76 1.88 -26.24
CA ASN B 75 8.85 0.60 -25.55
C ASN B 75 7.69 0.35 -24.60
N ILE B 76 6.64 1.13 -24.73
CA ILE B 76 5.45 0.96 -23.95
C ILE B 76 4.26 0.86 -24.90
N VAL B 77 3.40 -0.14 -24.71
CA VAL B 77 2.19 -0.31 -25.49
C VAL B 77 1.32 0.91 -25.24
N ARG B 78 0.74 1.44 -26.30
CA ARG B 78 -0.07 2.62 -26.22
C ARG B 78 -1.50 2.48 -25.72
N PHE B 79 -1.89 3.38 -24.83
CA PHE B 79 -3.24 3.48 -24.27
C PHE B 79 -3.89 4.64 -25.01
N TYR B 80 -4.93 4.39 -25.77
CA TYR B 80 -5.56 5.41 -26.61
C TYR B 80 -6.66 6.17 -25.89
N ASP B 81 -7.59 5.46 -25.26
CA ASP B 81 -8.75 6.11 -24.66
C ASP B 81 -9.48 5.11 -23.79
N SER B 82 -10.36 5.62 -22.93
CA SER B 82 -11.15 4.81 -22.03
C SER B 82 -12.46 5.51 -21.74
N TRP B 83 -13.54 4.74 -21.63
CA TRP B 83 -14.85 5.29 -21.28
C TRP B 83 -15.69 4.20 -20.64
N GLU B 84 -16.85 4.60 -20.11
CA GLU B 84 -17.74 3.69 -19.41
C GLU B 84 -18.88 3.26 -20.33
N SER B 85 -19.13 1.95 -20.35
CA SER B 85 -20.13 1.34 -21.22
C SER B 85 -21.04 0.43 -20.41
N THR B 86 -21.93 -0.22 -21.13
CA THR B 86 -22.85 -1.12 -20.51
C THR B 86 -22.96 -2.41 -21.25
N VAL B 87 -22.70 -3.54 -20.61
CA VAL B 87 -22.88 -4.84 -21.27
C VAL B 87 -23.22 -5.92 -20.29
N LYS B 88 -24.44 -6.41 -20.28
CA LYS B 88 -25.61 -5.62 -20.55
C LYS B 88 -26.27 -5.38 -19.21
N GLY B 89 -26.67 -4.15 -18.96
CA GLY B 89 -27.30 -3.82 -17.69
C GLY B 89 -26.35 -3.24 -16.70
N LYS B 90 -25.13 -3.76 -16.68
CA LYS B 90 -24.09 -3.34 -15.77
C LYS B 90 -23.13 -2.32 -16.32
N LYS B 91 -22.47 -1.62 -15.42
CA LYS B 91 -21.46 -0.62 -15.71
C LYS B 91 -20.14 -1.30 -16.01
N CYS B 92 -19.63 -1.13 -17.22
CA CYS B 92 -18.36 -1.69 -17.64
C CYS B 92 -17.45 -0.57 -18.12
N ILE B 93 -16.17 -0.87 -18.23
CA ILE B 93 -15.19 0.09 -18.73
C ILE B 93 -14.52 -0.47 -19.97
N VAL B 94 -14.44 0.36 -21.00
CA VAL B 94 -13.83 0.02 -22.28
C VAL B 94 -12.51 0.79 -22.38
N LEU B 95 -11.45 0.10 -22.84
CA LEU B 95 -10.19 0.78 -23.13
C LEU B 95 -9.68 0.34 -24.49
N VAL B 96 -9.23 1.31 -25.27
CA VAL B 96 -8.67 1.09 -26.59
C VAL B 96 -7.16 1.19 -26.46
N THR B 97 -6.44 0.13 -26.83
CA THR B 97 -4.98 0.13 -26.79
C THR B 97 -4.43 -0.35 -28.11
N GLU B 98 -3.11 -0.22 -28.23
CA GLU B 98 -2.38 -0.66 -29.41
C GLU B 98 -2.46 -2.18 -29.53
N LEU B 99 -2.83 -2.67 -30.71
CA LEU B 99 -2.96 -4.11 -30.93
C LEU B 99 -1.60 -4.73 -31.21
N MET B 100 -1.25 -5.77 -30.45
CA MET B 100 -0.02 -6.51 -30.66
C MET B 100 -0.38 -7.83 -31.34
N THR B 101 -0.05 -7.96 -32.62
CA THR B 101 -0.38 -9.14 -33.39
C THR B 101 0.69 -10.22 -33.33
N SER B 102 1.96 -9.84 -33.23
CA SER B 102 3.05 -10.80 -33.12
C SER B 102 3.13 -11.47 -31.73
N GLY B 103 2.14 -11.28 -30.86
CA GLY B 103 2.06 -12.04 -29.62
C GLY B 103 2.91 -11.50 -28.48
N THR B 104 3.06 -12.33 -27.46
CA THR B 104 3.85 -12.03 -26.27
C THR B 104 5.20 -12.72 -26.33
N LEU B 105 6.11 -12.23 -25.50
CA LEU B 105 7.46 -12.81 -25.42
C LEU B 105 7.40 -14.27 -24.95
N LYS B 106 6.55 -14.56 -23.97
CA LYS B 106 6.45 -15.91 -23.43
C LYS B 106 6.06 -16.92 -24.51
N THR B 107 5.10 -16.56 -25.36
CA THR B 107 4.73 -17.42 -26.49
C THR B 107 5.91 -17.59 -27.44
N TYR B 108 6.63 -16.51 -27.69
CA TYR B 108 7.77 -16.54 -28.60
C TYR B 108 8.83 -17.53 -28.13
N LEU B 109 9.21 -17.44 -26.85
CA LEU B 109 10.37 -18.18 -26.35
C LEU B 109 10.05 -19.61 -25.90
N LYS B 110 8.78 -20.00 -25.83
CA LYS B 110 8.49 -21.37 -25.45
C LYS B 110 8.55 -22.33 -26.63
N ARG B 111 8.95 -21.85 -27.80
CA ARG B 111 9.16 -22.70 -28.96
C ARG B 111 10.64 -22.96 -29.25
N PHE B 112 11.54 -22.27 -28.57
CA PHE B 112 12.98 -22.42 -28.77
C PHE B 112 13.68 -22.57 -27.41
N LYS B 113 14.92 -23.06 -27.45
CA LYS B 113 15.62 -23.42 -26.22
C LYS B 113 16.86 -22.58 -25.92
N VAL B 114 17.42 -21.86 -26.88
CA VAL B 114 18.58 -21.00 -26.60
C VAL B 114 18.39 -19.68 -27.35
N MET B 115 18.36 -18.57 -26.62
CA MET B 115 18.20 -17.25 -27.22
C MET B 115 19.57 -16.66 -27.54
N LYS B 116 19.73 -16.17 -28.76
CA LYS B 116 21.00 -15.58 -29.18
C LYS B 116 21.33 -14.36 -28.31
N ILE B 117 22.61 -14.24 -27.95
CA ILE B 117 23.00 -13.26 -26.93
C ILE B 117 22.78 -11.83 -27.40
N LYS B 118 22.82 -11.58 -28.72
CA LYS B 118 22.57 -10.23 -29.20
C LYS B 118 21.10 -9.87 -29.13
N VAL B 119 20.22 -10.86 -29.33
CA VAL B 119 18.80 -10.63 -29.15
C VAL B 119 18.48 -10.36 -27.69
N LEU B 120 19.11 -11.12 -26.78
CA LEU B 120 18.88 -10.94 -25.36
C LEU B 120 19.29 -9.55 -24.90
N ARG B 121 20.45 -9.07 -25.36
CA ARG B 121 20.93 -7.75 -24.98
C ARG B 121 20.02 -6.65 -25.54
N SER B 122 19.64 -6.77 -26.81
CA SER B 122 18.81 -5.75 -27.42
C SER B 122 17.42 -5.69 -26.80
N TRP B 123 16.80 -6.86 -26.56
CA TRP B 123 15.44 -6.86 -26.04
C TRP B 123 15.40 -6.45 -24.57
N CYS B 124 16.38 -6.89 -23.77
CA CYS B 124 16.39 -6.48 -22.37
C CYS B 124 16.69 -5.01 -22.22
N ARG B 125 17.48 -4.43 -23.13
CA ARG B 125 17.69 -2.99 -23.11
C ARG B 125 16.39 -2.25 -23.41
N GLN B 126 15.62 -2.73 -24.39
CA GLN B 126 14.34 -2.08 -24.70
C GLN B 126 13.39 -2.15 -23.53
N ILE B 127 13.32 -3.31 -22.86
CA ILE B 127 12.49 -3.44 -21.66
C ILE B 127 12.94 -2.44 -20.61
N LEU B 128 14.25 -2.34 -20.38
CA LEU B 128 14.78 -1.39 -19.41
C LEU B 128 14.47 0.05 -19.79
N LYS B 129 14.41 0.35 -21.10
CA LYS B 129 14.03 1.70 -21.51
C LYS B 129 12.58 1.98 -21.20
N GLY B 130 11.71 0.98 -21.36
CA GLY B 130 10.32 1.16 -20.96
C GLY B 130 10.17 1.47 -19.49
N LEU B 131 10.82 0.67 -18.64
CA LEU B 131 10.71 0.87 -17.20
C LEU B 131 11.26 2.23 -16.79
N GLN B 132 12.36 2.67 -17.42
CA GLN B 132 12.92 3.97 -17.07
C GLN B 132 11.96 5.10 -17.41
N PHE B 133 11.27 4.99 -18.55
CA PHE B 133 10.18 5.93 -18.85
C PHE B 133 9.16 5.94 -17.72
N LEU B 134 8.59 4.77 -17.39
CA LEU B 134 7.57 4.73 -16.34
C LEU B 134 8.07 5.30 -15.01
N HIS B 135 9.32 5.00 -14.65
CA HIS B 135 9.82 5.41 -13.34
C HIS B 135 10.11 6.90 -13.28
N THR B 136 10.35 7.50 -14.42
CA THR B 136 10.64 8.89 -14.50
C THR B 136 9.47 9.80 -14.72
N ARG B 137 8.27 9.29 -14.63
CA ARG B 137 7.10 10.12 -14.75
C ARG B 137 6.84 10.85 -13.44
N THR B 138 5.97 11.84 -13.47
CA THR B 138 5.61 12.53 -12.25
C THR B 138 4.12 12.43 -12.09
N PRO B 139 3.66 11.65 -11.15
CA PRO B 139 4.47 10.79 -10.26
C PRO B 139 4.91 9.50 -10.96
N PRO B 140 5.96 8.86 -10.44
CA PRO B 140 6.47 7.63 -11.05
C PRO B 140 5.41 6.53 -11.06
N ILE B 141 5.42 5.75 -12.14
CA ILE B 141 4.57 4.56 -12.27
C ILE B 141 5.40 3.33 -11.98
N ILE B 142 4.90 2.48 -11.08
CA ILE B 142 5.51 1.19 -10.80
C ILE B 142 4.61 0.13 -11.40
N HIS B 143 5.18 -0.69 -12.29
CA HIS B 143 4.36 -1.60 -13.08
C HIS B 143 3.77 -2.71 -12.23
N ARG B 144 4.59 -3.31 -11.36
CA ARG B 144 4.19 -4.32 -10.39
C ARG B 144 3.81 -5.66 -10.99
N ASP B 145 3.72 -5.75 -12.32
CA ASP B 145 3.30 -7.00 -12.96
C ASP B 145 4.17 -7.32 -14.18
N LEU B 146 5.47 -7.05 -14.08
CA LEU B 146 6.36 -7.30 -15.21
C LEU B 146 6.65 -8.79 -15.30
N LYS B 147 6.37 -9.37 -16.46
CA LYS B 147 6.60 -10.78 -16.75
C LYS B 147 6.66 -10.94 -18.26
N CYS B 148 7.26 -12.00 -18.73
CA CYS B 148 7.40 -12.25 -20.15
C CYS B 148 6.11 -12.26 -20.90
N ASP B 149 5.06 -12.48 -20.19
CA ASP B 149 3.74 -12.52 -20.73
C ASP B 149 3.15 -11.14 -20.92
N ASN B 150 3.75 -10.13 -20.31
CA ASN B 150 3.26 -8.80 -20.44
C ASN B 150 4.22 -7.98 -21.27
N ILE B 151 5.09 -8.66 -21.95
CA ILE B 151 6.01 -8.03 -22.89
C ILE B 151 5.65 -8.53 -24.28
N PHE B 152 5.49 -7.61 -25.23
CA PHE B 152 4.96 -7.91 -26.55
C PHE B 152 5.98 -7.55 -27.63
N ILE B 153 6.03 -8.36 -28.68
CA ILE B 153 6.90 -8.10 -29.83
C ILE B 153 6.09 -7.45 -30.94
N THR B 154 6.68 -6.47 -31.62
CA THR B 154 5.99 -5.60 -32.56
C THR B 154 6.11 -6.13 -33.99
N GLY B 155 5.85 -5.26 -34.97
CA GLY B 155 5.70 -5.65 -36.36
C GLY B 155 7.00 -5.97 -37.06
N PRO B 156 7.42 -5.08 -37.98
CA PRO B 156 8.57 -5.41 -38.84
C PRO B 156 9.89 -5.38 -38.10
N THR B 157 10.12 -4.30 -37.36
CA THR B 157 11.45 -4.05 -36.80
C THR B 157 11.86 -5.09 -35.77
N GLY B 158 10.90 -5.72 -35.10
CA GLY B 158 11.23 -6.64 -34.03
C GLY B 158 11.46 -5.97 -32.69
N SER B 159 10.70 -4.92 -32.40
CA SER B 159 10.80 -4.19 -31.14
C SER B 159 9.92 -4.84 -30.09
N VAL B 160 10.23 -4.59 -28.82
CA VAL B 160 9.45 -5.13 -27.71
C VAL B 160 8.85 -3.97 -26.91
N LYS B 161 7.62 -4.17 -26.45
CA LYS B 161 6.87 -3.17 -25.71
C LYS B 161 6.28 -3.79 -24.46
N ILE B 162 6.25 -3.02 -23.37
CA ILE B 162 5.60 -3.44 -22.13
C ILE B 162 4.14 -3.06 -22.20
N GLY B 163 3.27 -4.00 -21.83
CA GLY B 163 1.84 -3.75 -21.82
C GLY B 163 1.16 -4.22 -20.55
N ASP B 164 -0.17 -4.16 -20.53
CA ASP B 164 -1.00 -4.57 -19.40
C ASP B 164 -0.51 -3.90 -18.10
N LEU B 165 -0.73 -2.58 -18.05
CA LEU B 165 -0.44 -1.79 -16.87
C LEU B 165 -1.57 -1.83 -15.83
N GLY B 166 -2.45 -2.84 -15.89
CA GLY B 166 -3.63 -2.84 -15.05
C GLY B 166 -3.35 -2.98 -13.56
N LEU B 167 -2.24 -3.60 -13.21
CA LEU B 167 -1.89 -3.75 -11.79
C LEU B 167 -0.96 -2.65 -11.30
N ALA B 168 -0.68 -1.64 -12.13
CA ALA B 168 0.30 -0.62 -11.76
C ALA B 168 -0.25 0.31 -10.68
N THR B 169 0.64 1.20 -10.21
CA THR B 169 0.31 2.16 -9.17
C THR B 169 1.29 3.31 -9.28
N LEU B 170 0.95 4.43 -8.64
CA LEU B 170 1.80 5.61 -8.70
C LEU B 170 2.60 5.79 -7.41
N LYS B 171 3.61 6.65 -7.51
CA LYS B 171 4.56 6.95 -6.43
C LYS B 171 5.39 5.73 -6.06
N GLY B 181 2.94 11.33 8.85
CA GLY B 181 3.93 10.86 9.79
C GLY B 181 4.35 9.42 9.51
N THR B 182 5.04 8.79 10.46
CA THR B 182 5.45 7.40 10.27
C THR B 182 5.37 6.61 11.57
N PRO B 183 4.79 5.41 11.53
CA PRO B 183 4.56 4.64 12.77
C PRO B 183 5.86 4.21 13.43
N GLU B 184 5.85 4.21 14.76
CA GLU B 184 7.06 3.95 15.54
C GLU B 184 7.17 2.53 16.05
N PHE B 185 6.05 1.85 16.30
CA PHE B 185 6.06 0.46 16.77
C PHE B 185 5.71 -0.50 15.64
N MET B 186 6.34 -0.33 14.49
CA MET B 186 5.98 -1.09 13.29
C MET B 186 6.26 -2.58 13.47
N ALA B 187 5.30 -3.40 13.03
CA ALA B 187 5.52 -4.83 12.92
C ALA B 187 6.41 -5.13 11.71
N PRO B 188 7.09 -6.29 11.71
CA PRO B 188 8.00 -6.57 10.59
C PRO B 188 7.31 -6.60 9.24
N GLU B 189 6.13 -7.21 9.16
CA GLU B 189 5.41 -7.25 7.90
C GLU B 189 4.96 -5.87 7.43
N MET B 190 5.02 -4.86 8.30
CA MET B 190 4.75 -3.50 7.87
C MET B 190 5.97 -2.85 7.23
N TYR B 191 7.18 -3.26 7.64
CA TYR B 191 8.39 -2.70 7.06
C TYR B 191 8.57 -3.09 5.59
N ALA B 192 7.92 -4.17 5.15
CA ALA B 192 8.06 -4.59 3.76
C ALA B 192 7.15 -3.78 2.84
N ALA B 193 5.94 -3.44 3.30
CA ALA B 193 4.93 -2.81 2.46
C ALA B 193 5.32 -1.43 1.96
N ALA B 194 6.53 -0.96 2.28
CA ALA B 194 7.02 0.33 1.81
C ALA B 194 7.79 0.23 0.50
N TYR B 195 7.49 -0.79 -0.31
CA TYR B 195 8.27 -1.09 -1.51
C TYR B 195 8.16 0.04 -2.55
N ASP B 196 9.01 -0.04 -3.57
CA ASP B 196 9.03 0.99 -4.59
C ASP B 196 9.38 0.46 -5.98
N GLU B 197 10.01 1.31 -6.80
CA GLU B 197 10.33 0.97 -8.19
C GLU B 197 11.24 -0.25 -8.27
N SER B 198 12.08 -0.46 -7.25
CA SER B 198 12.96 -1.63 -7.22
C SER B 198 12.19 -2.95 -7.32
N VAL B 199 10.87 -2.91 -7.08
CA VAL B 199 10.04 -4.08 -7.33
C VAL B 199 10.07 -4.46 -8.81
N ASP B 200 10.12 -3.46 -9.70
CA ASP B 200 10.19 -3.74 -11.13
C ASP B 200 11.57 -4.23 -11.55
N VAL B 201 12.62 -3.79 -10.86
CA VAL B 201 13.96 -4.30 -11.15
C VAL B 201 14.03 -5.78 -10.81
N TYR B 202 13.50 -6.16 -9.65
CA TYR B 202 13.42 -7.57 -9.28
C TYR B 202 12.71 -8.39 -10.35
N ALA B 203 11.59 -7.87 -10.87
CA ALA B 203 10.85 -8.61 -11.90
C ALA B 203 11.63 -8.68 -13.20
N PHE B 204 12.33 -7.60 -13.56
CA PHE B 204 13.13 -7.60 -14.78
C PHE B 204 14.20 -8.69 -14.74
N GLY B 205 14.88 -8.84 -13.60
CA GLY B 205 15.89 -9.87 -13.48
C GLY B 205 15.31 -11.27 -13.64
N MET B 206 14.07 -11.47 -13.20
CA MET B 206 13.41 -12.76 -13.40
C MET B 206 13.02 -12.95 -14.87
N CYS B 207 12.58 -11.88 -15.54
CA CYS B 207 12.31 -11.94 -16.97
C CYS B 207 13.58 -12.28 -17.75
N MET B 208 14.68 -11.59 -17.44
CA MET B 208 15.95 -11.86 -18.11
C MET B 208 16.41 -13.28 -17.83
N LEU B 209 16.17 -13.76 -16.61
CA LEU B 209 16.54 -15.14 -16.26
C LEU B 209 15.82 -16.14 -17.14
N GLU B 210 14.53 -15.92 -17.39
CA GLU B 210 13.75 -16.86 -18.19
C GLU B 210 14.12 -16.78 -19.66
N MET B 211 14.46 -15.59 -20.15
CA MET B 211 14.95 -15.48 -21.52
C MET B 211 16.29 -16.16 -21.69
N ALA B 212 17.15 -16.10 -20.68
CA ALA B 212 18.49 -16.65 -20.78
C ALA B 212 18.55 -18.14 -20.51
N THR B 213 17.43 -18.76 -20.12
CA THR B 213 17.39 -20.19 -19.80
C THR B 213 16.29 -20.95 -20.52
N SER B 214 15.29 -20.28 -21.08
CA SER B 214 14.18 -20.91 -21.78
C SER B 214 13.36 -21.82 -20.86
N GLU B 215 13.29 -21.46 -19.57
CA GLU B 215 12.42 -22.16 -18.63
C GLU B 215 11.97 -21.17 -17.56
N TYR B 216 10.90 -21.55 -16.86
CA TYR B 216 10.23 -20.64 -15.93
C TYR B 216 10.96 -20.62 -14.59
N PRO B 217 11.20 -19.43 -14.02
CA PRO B 217 11.90 -19.37 -12.74
C PRO B 217 11.08 -19.95 -11.60
N TYR B 218 11.75 -20.69 -10.72
CA TYR B 218 11.12 -21.34 -9.57
C TYR B 218 10.05 -22.34 -10.00
N SER B 219 10.29 -23.01 -11.13
CA SER B 219 9.40 -24.09 -11.51
C SER B 219 9.39 -25.22 -10.50
N GLU B 220 10.46 -25.35 -9.69
CA GLU B 220 10.48 -26.33 -8.62
C GLU B 220 9.29 -26.15 -7.67
N CYS B 221 8.87 -24.91 -7.47
CA CYS B 221 7.88 -24.60 -6.46
C CYS B 221 6.47 -24.84 -6.99
N GLN B 222 5.55 -25.07 -6.05
CA GLN B 222 4.16 -25.33 -6.37
C GLN B 222 3.25 -24.12 -6.11
N ASN B 223 3.71 -23.14 -5.34
CA ASN B 223 2.89 -21.94 -5.11
C ASN B 223 3.78 -20.81 -4.63
N ALA B 224 3.16 -19.65 -4.41
CA ALA B 224 3.89 -18.43 -4.07
C ALA B 224 4.52 -18.52 -2.68
N ALA B 225 3.79 -19.09 -1.71
CA ALA B 225 4.34 -19.23 -0.36
C ALA B 225 5.64 -20.03 -0.37
N GLN B 226 5.73 -21.05 -1.22
CA GLN B 226 6.98 -21.79 -1.34
C GLN B 226 8.06 -20.95 -1.99
N ILE B 227 7.69 -20.05 -2.90
CA ILE B 227 8.70 -19.17 -3.49
C ILE B 227 9.18 -18.16 -2.46
N TYR B 228 8.26 -17.54 -1.73
CA TYR B 228 8.63 -16.53 -0.74
C TYR B 228 9.64 -17.09 0.27
N ARG B 229 9.40 -18.29 0.79
CA ARG B 229 10.32 -18.82 1.79
C ARG B 229 11.67 -19.19 1.14
N ARG B 230 11.65 -19.62 -0.13
CA ARG B 230 12.92 -19.87 -0.81
C ARG B 230 13.72 -18.57 -0.96
N VAL B 231 13.03 -17.48 -1.32
CA VAL B 231 13.74 -16.21 -1.51
C VAL B 231 14.27 -15.68 -0.18
N THR B 232 13.47 -15.80 0.88
CA THR B 232 13.89 -15.33 2.20
C THR B 232 14.91 -16.24 2.87
N SER B 233 15.11 -17.45 2.34
CA SER B 233 16.19 -18.32 2.80
C SER B 233 17.47 -18.14 2.00
N GLY B 234 17.48 -17.20 1.05
CA GLY B 234 18.64 -16.97 0.21
C GLY B 234 18.83 -17.96 -0.91
N VAL B 235 17.84 -18.80 -1.21
CA VAL B 235 17.95 -19.86 -2.20
C VAL B 235 17.37 -19.36 -3.52
N LYS B 236 18.25 -19.16 -4.50
CA LYS B 236 17.85 -18.68 -5.82
C LYS B 236 17.17 -19.80 -6.62
N PRO B 237 16.49 -19.46 -7.72
CA PRO B 237 15.84 -20.50 -8.52
C PRO B 237 16.89 -21.49 -9.06
N ALA B 238 16.43 -22.72 -9.30
CA ALA B 238 17.35 -23.73 -9.83
C ALA B 238 17.86 -23.35 -11.22
N SER B 239 17.07 -22.58 -11.98
CA SER B 239 17.51 -22.17 -13.30
C SER B 239 18.60 -21.10 -13.25
N PHE B 240 18.80 -20.47 -12.09
CA PHE B 240 19.82 -19.43 -11.98
C PHE B 240 21.22 -19.99 -12.25
N ASP B 241 21.49 -21.20 -11.78
CA ASP B 241 22.80 -21.81 -11.94
C ASP B 241 22.92 -22.58 -13.25
N LYS B 242 21.98 -22.37 -14.17
CA LYS B 242 22.09 -22.85 -15.55
C LYS B 242 22.37 -21.71 -16.53
N VAL B 243 22.51 -20.49 -16.04
CA VAL B 243 22.77 -19.35 -16.93
C VAL B 243 24.16 -19.51 -17.52
N ALA B 244 24.25 -19.47 -18.85
CA ALA B 244 25.48 -19.80 -19.55
C ALA B 244 26.46 -18.63 -19.61
N ILE B 245 25.98 -17.39 -19.72
CA ILE B 245 26.83 -16.23 -19.91
C ILE B 245 27.07 -15.58 -18.55
N PRO B 246 28.31 -15.38 -18.13
CA PRO B 246 28.57 -14.90 -16.76
C PRO B 246 28.12 -13.47 -16.51
N GLU B 247 28.22 -12.59 -17.52
CA GLU B 247 27.73 -11.23 -17.34
C GLU B 247 26.21 -11.21 -17.11
N VAL B 248 25.48 -12.03 -17.88
CA VAL B 248 24.04 -12.12 -17.68
C VAL B 248 23.72 -12.60 -16.27
N LYS B 249 24.43 -13.63 -15.81
CA LYS B 249 24.20 -14.18 -14.49
C LYS B 249 24.45 -13.14 -13.41
N GLU B 250 25.47 -12.31 -13.59
CA GLU B 250 25.77 -11.25 -12.63
C GLU B 250 24.68 -10.17 -12.64
N ILE B 251 24.19 -9.82 -13.83
CA ILE B 251 23.11 -8.83 -13.93
C ILE B 251 21.86 -9.37 -13.25
N ILE B 252 21.50 -10.62 -13.53
CA ILE B 252 20.34 -11.24 -12.90
C ILE B 252 20.50 -11.26 -11.39
N GLU B 253 21.72 -11.55 -10.91
CA GLU B 253 21.96 -11.65 -9.47
C GLU B 253 21.78 -10.29 -8.79
N GLY B 254 22.29 -9.23 -9.40
CA GLY B 254 22.12 -7.91 -8.82
C GLY B 254 20.71 -7.36 -8.91
N CYS B 255 19.85 -7.98 -9.72
CA CYS B 255 18.47 -7.54 -9.84
C CYS B 255 17.54 -8.24 -8.87
N ILE B 256 17.87 -9.46 -8.42
CA ILE B 256 16.95 -10.25 -7.61
C ILE B 256 17.47 -10.45 -6.19
N ARG B 257 18.42 -9.62 -5.73
CA ARG B 257 18.81 -9.63 -4.33
C ARG B 257 17.57 -9.38 -3.47
N GLN B 258 17.49 -10.01 -2.30
CA GLN B 258 16.24 -9.93 -1.56
C GLN B 258 16.11 -8.62 -0.79
N ASN B 259 17.22 -7.97 -0.44
CA ASN B 259 17.17 -6.62 0.12
C ASN B 259 16.98 -5.62 -1.02
N LYS B 260 15.86 -4.88 -0.99
CA LYS B 260 15.53 -4.03 -2.13
C LYS B 260 16.56 -2.92 -2.35
N ASP B 261 17.23 -2.48 -1.29
CA ASP B 261 18.22 -1.41 -1.43
C ASP B 261 19.51 -1.88 -2.06
N GLU B 262 19.75 -3.18 -2.14
CA GLU B 262 20.99 -3.72 -2.70
C GLU B 262 20.90 -4.01 -4.20
N ARG B 263 19.74 -3.88 -4.80
CA ARG B 263 19.56 -4.15 -6.21
C ARG B 263 20.06 -3.04 -7.12
N TYR B 264 20.34 -3.37 -8.36
CA TYR B 264 20.70 -2.35 -9.33
C TYR B 264 19.59 -1.33 -9.48
N SER B 265 19.96 -0.11 -9.85
CA SER B 265 19.01 0.80 -10.47
C SER B 265 19.02 0.59 -11.97
N ILE B 266 17.94 1.02 -12.63
CA ILE B 266 17.89 0.88 -14.08
C ILE B 266 18.94 1.77 -14.73
N LYS B 267 19.27 2.89 -14.09
CA LYS B 267 20.41 3.70 -14.53
C LYS B 267 21.71 2.92 -14.44
N ASP B 268 21.92 2.19 -13.33
CA ASP B 268 23.10 1.35 -13.20
C ASP B 268 23.15 0.28 -14.29
N LEU B 269 22.00 -0.31 -14.61
CA LEU B 269 21.97 -1.42 -15.56
C LEU B 269 22.15 -0.96 -16.99
N LEU B 270 21.53 0.16 -17.37
CA LEU B 270 21.75 0.69 -18.70
C LEU B 270 23.19 1.18 -18.90
N ASN B 271 23.90 1.49 -17.81
CA ASN B 271 25.32 1.83 -17.86
C ASN B 271 26.21 0.60 -17.81
N HIS B 272 25.65 -0.60 -17.70
CA HIS B 272 26.44 -1.81 -17.51
C HIS B 272 27.22 -2.13 -18.77
N ALA B 273 28.34 -2.85 -18.59
CA ALA B 273 29.18 -3.22 -19.73
C ALA B 273 28.41 -4.10 -20.71
N PHE B 274 27.54 -4.98 -20.18
CA PHE B 274 26.78 -5.87 -21.05
C PHE B 274 25.86 -5.09 -21.98
N PHE B 275 25.28 -4.01 -21.50
CA PHE B 275 24.38 -3.21 -22.33
C PHE B 275 25.09 -2.08 -23.06
N GLN B 276 26.28 -1.68 -22.63
CA GLN B 276 27.05 -0.68 -23.34
C GLN B 276 28.11 -1.34 -24.23
#